data_2RLC
#
_entry.id   2RLC
#
_cell.length_a   64.240
_cell.length_b   64.240
_cell.length_c   169.900
_cell.angle_alpha   90.000
_cell.angle_beta   90.000
_cell.angle_gamma   90.000
#
_symmetry.space_group_name_H-M   'P 42 2 2'
#
loop_
_entity.id
_entity.type
_entity.pdbx_description
1 polymer 'Choloylglycine hydrolase'
2 non-polymer 'SULFATE ION'
3 non-polymer 'CHOLIC ACID'
4 non-polymer GLYCINE
5 water water
#
_entity_poly.entity_id   1
_entity_poly.type   'polypeptide(L)'
_entity_poly.pdbx_seq_one_letter_code
;(OCS)TGLALETKDGLHLFGRN(MSE)DIEYSFNQSIIFIPRNFKCVNKSNKKELTTKYAVLG(MSE)GTIFDDYPTFAD
G(MSE)NEKGLGCAGLNFPVYVSYSKEDIEGKTNIPVYNFLLWVLANFSSVEEVKEALKNANIVDIPISENIPNTTLHW
(MSE)ISDITGKSIVVEQTKEKLNVFDNNIGVLTNSPTFDWHVANLNQYVGLRYNQVPEFKLGDQSLTALGQGTGLVGLP
GDFTPASRFIRVAFLRDA(MSE)IKNDKDSIDLIEFFHILNNVA(MSE)VRGSTRTVEEKSDLTQYTSC(MSE)CLEKGI
YYYNTYENNQINAID(MSE)NKENLDGNEIKTYKYNKTLSINHVN
;
_entity_poly.pdbx_strand_id   A
#
# COMPACT_ATOMS: atom_id res chain seq x y z
N THR A 2 -4.67 3.08 1.83
CA THR A 2 -3.56 3.94 2.24
C THR A 2 -2.26 3.16 2.28
N GLY A 3 -1.26 3.63 1.54
CA GLY A 3 0.08 3.07 1.57
C GLY A 3 1.01 3.92 2.42
N LEU A 4 1.96 3.27 3.07
CA LEU A 4 2.90 3.93 3.96
C LEU A 4 4.29 3.29 3.92
N ALA A 5 5.32 4.14 3.88
CA ALA A 5 6.71 3.69 4.04
C ALA A 5 7.32 4.40 5.24
N LEU A 6 8.06 3.65 6.06
CA LEU A 6 8.63 4.19 7.30
C LEU A 6 9.95 3.51 7.64
N GLU A 7 10.94 4.30 8.06
CA GLU A 7 12.21 3.76 8.54
C GLU A 7 12.20 3.64 10.06
N THR A 8 12.61 2.47 10.56
CA THR A 8 12.67 2.22 12.00
C THR A 8 13.93 2.84 12.62
N LYS A 9 13.92 2.91 13.95
CA LYS A 9 15.04 3.42 14.73
C LYS A 9 16.36 2.67 14.47
N ASP A 10 16.22 1.44 13.98
CA ASP A 10 17.37 0.57 13.72
C ASP A 10 17.79 0.59 12.25
N GLY A 11 17.23 1.54 11.49
CA GLY A 11 17.61 1.73 10.10
C GLY A 11 16.98 0.74 9.14
N LEU A 12 15.98 -0.01 9.61
CA LEU A 12 15.25 -0.95 8.77
C LEU A 12 14.05 -0.25 8.13
N HIS A 13 13.52 -0.85 7.06
CA HIS A 13 12.49 -0.19 6.27
C HIS A 13 11.18 -0.96 6.23
N LEU A 14 10.14 -0.30 6.72
CA LEU A 14 8.79 -0.84 6.73
C LEU A 14 8.00 -0.29 5.56
N PHE A 15 7.23 -1.15 4.93
CA PHE A 15 6.36 -0.75 3.82
C PHE A 15 5.09 -1.57 3.87
N GLY A 16 3.96 -0.91 3.74
CA GLY A 16 2.68 -1.61 3.80
C GLY A 16 1.49 -0.73 3.50
N ARG A 17 0.31 -1.21 3.88
CA ARG A 17 -0.93 -0.59 3.48
C ARG A 17 -2.12 -1.02 4.30
N ASN A 18 -3.13 -0.15 4.34
CA ASN A 18 -4.49 -0.52 4.69
C ASN A 18 -5.20 -0.99 3.43
N ASP A 20 -8.76 -1.23 2.10
CA ASP A 20 -10.09 -0.71 2.36
C ASP A 20 -11.07 -1.13 1.27
N ILE A 21 -11.81 -2.21 1.52
CA ILE A 21 -12.80 -2.73 0.56
C ILE A 21 -14.04 -3.26 1.30
N GLU A 22 -15.13 -3.44 0.55
CA GLU A 22 -16.41 -3.88 1.15
C GLU A 22 -16.68 -5.38 0.95
N TYR A 23 -15.69 -6.08 0.42
CA TYR A 23 -15.84 -7.50 0.07
C TYR A 23 -14.56 -8.30 0.36
N SER A 24 -14.68 -9.62 0.31
CA SER A 24 -13.52 -10.51 0.37
C SER A 24 -13.08 -10.82 -1.05
N PHE A 25 -11.76 -10.87 -1.28
CA PHE A 25 -11.25 -11.32 -2.57
C PHE A 25 -10.62 -12.72 -2.50
N ASN A 26 -11.14 -13.55 -1.60
CA ASN A 26 -10.60 -14.88 -1.32
C ASN A 26 -9.09 -14.84 -1.05
N GLN A 27 -8.69 -13.87 -0.23
CA GLN A 27 -7.27 -13.61 0.00
C GLN A 27 -6.62 -14.65 0.90
N SER A 28 -5.34 -14.86 0.64
CA SER A 28 -4.47 -15.63 1.51
C SER A 28 -3.08 -15.02 1.39
N ILE A 29 -2.20 -15.35 2.33
CA ILE A 29 -0.80 -14.94 2.23
C ILE A 29 -0.13 -15.97 1.33
N ILE A 30 0.47 -15.49 0.24
CA ILE A 30 1.02 -16.37 -0.78
C ILE A 30 2.54 -16.24 -0.87
N PHE A 31 3.22 -17.39 -0.74
CA PHE A 31 4.65 -17.47 -0.97
C PHE A 31 4.92 -18.18 -2.29
N ILE A 32 5.73 -17.56 -3.14
CA ILE A 32 6.18 -18.15 -4.40
C ILE A 32 7.71 -18.26 -4.37
N PRO A 33 8.25 -19.49 -4.49
CA PRO A 33 9.71 -19.67 -4.51
C PRO A 33 10.37 -19.15 -5.79
N ARG A 34 11.70 -19.15 -5.79
CA ARG A 34 12.51 -18.77 -6.96
C ARG A 34 12.29 -19.73 -8.14
N ASN A 35 12.53 -19.23 -9.34
CA ASN A 35 12.44 -20.04 -10.57
C ASN A 35 11.14 -20.83 -10.68
N PHE A 36 10.04 -20.22 -10.24
CA PHE A 36 8.73 -20.86 -10.30
C PHE A 36 7.95 -20.34 -11.49
N LYS A 37 7.41 -21.28 -12.27
CA LYS A 37 6.69 -20.97 -13.49
C LYS A 37 5.20 -20.76 -13.22
N CYS A 38 4.73 -19.54 -13.44
CA CYS A 38 3.33 -19.20 -13.27
C CYS A 38 2.68 -19.02 -14.65
N VAL A 39 1.64 -19.82 -14.92
CA VAL A 39 0.98 -19.83 -16.22
C VAL A 39 -0.50 -19.44 -16.11
N ASN A 40 -0.91 -18.49 -16.94
CA ASN A 40 -2.32 -18.09 -17.01
C ASN A 40 -3.03 -18.89 -18.11
N LYS A 41 -4.27 -19.29 -17.85
CA LYS A 41 -4.99 -20.24 -18.71
C LYS A 41 -5.81 -19.59 -19.84
N SER A 42 -6.51 -18.50 -19.53
CA SER A 42 -7.34 -17.82 -20.52
C SER A 42 -6.53 -17.31 -21.71
N ASN A 43 -5.44 -16.62 -21.41
CA ASN A 43 -4.42 -16.29 -22.40
C ASN A 43 -3.30 -17.33 -22.30
N LYS A 44 -2.16 -17.06 -22.93
CA LYS A 44 -1.05 -18.00 -22.89
C LYS A 44 0.19 -17.36 -22.27
N LYS A 45 -0.02 -16.19 -21.66
CA LYS A 45 1.05 -15.42 -21.03
C LYS A 45 1.63 -16.15 -19.82
N GLU A 46 2.97 -16.23 -19.78
CA GLU A 46 3.68 -16.98 -18.75
C GLU A 46 4.66 -16.08 -17.99
N LEU A 47 4.92 -16.41 -16.73
CA LEU A 47 5.87 -15.67 -15.89
C LEU A 47 6.70 -16.61 -15.02
N THR A 48 8.02 -16.50 -15.11
CA THR A 48 8.93 -17.26 -14.27
C THR A 48 9.63 -16.30 -13.29
N THR A 49 9.46 -16.56 -12.00
CA THR A 49 10.00 -15.70 -10.95
C THR A 49 11.53 -15.80 -10.88
N LYS A 50 12.19 -14.65 -10.89
CA LYS A 50 13.63 -14.59 -10.65
C LYS A 50 13.89 -14.61 -9.15
N TYR A 51 13.06 -13.89 -8.40
CA TYR A 51 13.20 -13.79 -6.95
C TYR A 51 11.98 -14.38 -6.26
N ALA A 52 12.20 -14.97 -5.08
CA ALA A 52 11.12 -15.48 -4.24
C ALA A 52 10.24 -14.32 -3.79
N VAL A 53 8.93 -14.57 -3.72
CA VAL A 53 7.93 -13.53 -3.47
C VAL A 53 7.01 -13.92 -2.31
N LEU A 54 6.64 -12.94 -1.49
CA LEU A 54 5.71 -13.15 -0.38
C LEU A 54 4.78 -11.96 -0.22
N GLY A 55 3.48 -12.21 -0.20
CA GLY A 55 2.50 -11.14 -0.02
C GLY A 55 1.06 -11.60 0.07
N GLY A 57 -2.50 -11.97 -1.63
CA GLY A 57 -3.11 -12.07 -2.94
C GLY A 57 -4.17 -13.16 -2.96
N THR A 58 -4.52 -13.57 -4.18
CA THR A 58 -5.47 -14.65 -4.35
C THR A 58 -5.05 -15.53 -5.54
N ILE A 59 -5.46 -16.79 -5.48
CA ILE A 59 -5.22 -17.73 -6.57
C ILE A 59 -6.48 -17.79 -7.43
N PHE A 60 -6.40 -17.17 -8.60
CA PHE A 60 -7.53 -17.10 -9.53
C PHE A 60 -7.18 -17.92 -10.76
N ASP A 61 -7.90 -19.02 -10.96
CA ASP A 61 -7.64 -19.99 -12.04
C ASP A 61 -6.24 -20.62 -11.91
N ASP A 62 -5.87 -20.93 -10.67
CA ASP A 62 -4.54 -21.48 -10.34
C ASP A 62 -3.40 -20.47 -10.51
N TYR A 63 -3.74 -19.26 -10.93
CA TYR A 63 -2.76 -18.19 -11.15
C TYR A 63 -2.80 -17.13 -10.06
N PRO A 64 -1.64 -16.83 -9.45
CA PRO A 64 -1.57 -15.86 -8.35
C PRO A 64 -1.58 -14.40 -8.82
N THR A 65 -2.38 -13.58 -8.16
CA THR A 65 -2.41 -12.13 -8.38
C THR A 65 -2.43 -11.43 -7.01
N PHE A 66 -1.67 -10.35 -6.88
CA PHE A 66 -1.36 -9.77 -5.57
C PHE A 66 -1.99 -8.40 -5.29
N ALA A 67 -2.31 -8.18 -4.02
CA ALA A 67 -2.76 -6.88 -3.53
C ALA A 67 -1.55 -6.06 -3.07
N ASP A 68 -0.63 -6.72 -2.37
CA ASP A 68 0.65 -6.15 -1.95
C ASP A 68 1.61 -7.27 -1.58
N GLY A 69 2.90 -7.01 -1.67
CA GLY A 69 3.89 -8.03 -1.40
C GLY A 69 5.32 -7.56 -1.50
N ASN A 71 9.67 -9.11 -2.18
CA ASN A 71 10.56 -10.18 -2.62
C ASN A 71 11.78 -10.33 -1.69
N GLU A 72 12.58 -11.35 -1.94
CA GLU A 72 13.74 -11.68 -1.12
C GLU A 72 14.83 -10.60 -1.10
N LYS A 73 14.78 -9.67 -2.05
CA LYS A 73 15.79 -8.63 -2.17
C LYS A 73 15.41 -7.35 -1.43
N GLY A 74 14.22 -7.35 -0.84
CA GLY A 74 13.75 -6.21 -0.07
C GLY A 74 12.97 -5.19 -0.88
N LEU A 75 12.46 -5.61 -2.03
CA LEU A 75 11.59 -4.76 -2.84
C LEU A 75 10.12 -5.04 -2.49
N GLY A 76 9.38 -3.96 -2.24
CA GLY A 76 7.96 -4.05 -1.92
C GLY A 76 7.09 -3.32 -2.92
N CYS A 77 5.89 -3.82 -3.13
CA CYS A 77 4.93 -3.17 -4.03
C CYS A 77 3.53 -3.37 -3.50
N ALA A 78 2.72 -2.31 -3.59
CA ALA A 78 1.31 -2.39 -3.21
C ALA A 78 0.45 -1.78 -4.31
N GLY A 79 -0.66 -2.45 -4.63
CA GLY A 79 -1.64 -1.93 -5.56
C GLY A 79 -2.80 -1.33 -4.81
N LEU A 80 -3.13 -0.08 -5.14
CA LEU A 80 -4.21 0.66 -4.49
C LEU A 80 -5.22 1.13 -5.53
N ASN A 81 -6.49 1.22 -5.12
CA ASN A 81 -7.58 1.66 -6.00
C ASN A 81 -7.30 3.04 -6.59
N PHE A 82 -7.60 3.21 -7.88
CA PHE A 82 -7.31 4.45 -8.60
C PHE A 82 -8.38 4.69 -9.67
N PRO A 83 -9.62 5.03 -9.24
CA PRO A 83 -10.70 5.20 -10.20
C PRO A 83 -10.68 6.54 -10.94
N VAL A 84 -11.33 6.59 -12.10
CA VAL A 84 -11.55 7.82 -12.90
C VAL A 84 -10.32 8.30 -13.67
N TYR A 85 -9.21 8.52 -12.96
CA TYR A 85 -8.01 9.14 -13.58
C TYR A 85 -7.10 8.13 -14.29
N VAL A 86 -7.32 6.84 -14.04
CA VAL A 86 -6.54 5.78 -14.68
C VAL A 86 -7.01 5.57 -16.13
N SER A 87 -6.12 5.08 -16.97
CA SER A 87 -6.46 4.72 -18.36
C SER A 87 -5.48 3.70 -18.92
N TYR A 88 -5.94 2.46 -19.04
CA TYR A 88 -5.14 1.38 -19.62
C TYR A 88 -5.41 1.25 -21.11
N SER A 89 -4.41 0.79 -21.85
CA SER A 89 -4.59 0.47 -23.27
C SER A 89 -5.43 -0.81 -23.41
N LYS A 90 -6.19 -0.89 -24.49
CA LYS A 90 -7.03 -2.06 -24.77
C LYS A 90 -6.19 -3.24 -25.25
N GLU A 91 -5.19 -2.96 -26.08
CA GLU A 91 -4.27 -3.98 -26.58
C GLU A 91 -2.82 -3.60 -26.28
N ASP A 92 -1.92 -4.56 -26.51
CA ASP A 92 -0.48 -4.30 -26.40
C ASP A 92 -0.04 -3.20 -27.35
N ILE A 93 0.78 -2.29 -26.86
CA ILE A 93 1.36 -1.22 -27.69
C ILE A 93 2.72 -1.67 -28.22
N GLU A 94 2.85 -1.65 -29.55
CA GLU A 94 4.07 -2.05 -30.24
C GLU A 94 5.28 -1.22 -29.80
N GLY A 95 6.36 -1.91 -29.46
CA GLY A 95 7.61 -1.27 -29.06
C GLY A 95 7.72 -1.01 -27.56
N LYS A 96 6.69 -1.38 -26.82
CA LYS A 96 6.66 -1.17 -25.37
C LYS A 96 6.60 -2.50 -24.60
N THR A 97 7.06 -2.47 -23.36
CA THR A 97 6.93 -3.61 -22.45
C THR A 97 5.50 -3.62 -21.92
N ASN A 98 4.68 -4.53 -22.44
CA ASN A 98 3.26 -4.58 -22.12
C ASN A 98 2.94 -5.51 -20.96
N ILE A 99 2.39 -4.94 -19.89
CA ILE A 99 2.10 -5.68 -18.67
C ILE A 99 0.60 -5.62 -18.38
N PRO A 100 -0.06 -6.80 -18.27
CA PRO A 100 -1.47 -6.83 -17.90
C PRO A 100 -1.69 -6.30 -16.47
N VAL A 101 -2.76 -5.54 -16.28
CA VAL A 101 -3.08 -4.91 -14.99
C VAL A 101 -2.95 -5.87 -13.81
N TYR A 102 -3.63 -7.02 -13.91
CA TYR A 102 -3.65 -8.02 -12.84
C TYR A 102 -2.27 -8.58 -12.49
N ASN A 103 -1.32 -8.46 -13.43
CA ASN A 103 0.00 -9.06 -13.29
C ASN A 103 1.11 -8.08 -12.89
N PHE A 104 0.79 -6.78 -12.88
CA PHE A 104 1.81 -5.75 -12.66
C PHE A 104 2.59 -5.94 -11.36
N LEU A 105 1.87 -6.21 -10.27
CA LEU A 105 2.49 -6.33 -8.96
C LEU A 105 3.48 -7.48 -8.93
N LEU A 106 3.06 -8.65 -9.41
CA LEU A 106 3.94 -9.80 -9.50
C LEU A 106 5.10 -9.54 -10.45
N TRP A 107 4.82 -8.86 -11.57
CA TRP A 107 5.85 -8.51 -12.55
C TRP A 107 7.00 -7.71 -11.92
N VAL A 108 6.65 -6.78 -11.04
CA VAL A 108 7.64 -5.98 -10.31
C VAL A 108 8.48 -6.86 -9.37
N LEU A 109 7.79 -7.63 -8.52
CA LEU A 109 8.44 -8.40 -7.46
C LEU A 109 9.24 -9.59 -7.97
N ALA A 110 8.77 -10.21 -9.04
CA ALA A 110 9.39 -11.41 -9.59
C ALA A 110 10.68 -11.09 -10.35
N ASN A 111 10.76 -9.89 -10.92
CA ASN A 111 11.83 -9.55 -11.86
C ASN A 111 12.94 -8.63 -11.35
N PHE A 112 12.62 -7.76 -10.41
CA PHE A 112 13.53 -6.68 -10.02
C PHE A 112 13.92 -6.69 -8.56
N SER A 113 15.12 -6.19 -8.27
CA SER A 113 15.69 -6.23 -6.93
C SER A 113 15.65 -4.88 -6.22
N SER A 114 15.30 -3.82 -6.96
CA SER A 114 15.32 -2.47 -6.41
C SER A 114 14.39 -1.51 -7.14
N VAL A 115 14.05 -0.40 -6.48
CA VAL A 115 13.30 0.69 -7.06
C VAL A 115 14.01 1.24 -8.30
N GLU A 116 15.33 1.38 -8.21
CA GLU A 116 16.14 1.87 -9.33
C GLU A 116 16.01 1.00 -10.58
N GLU A 117 16.06 -0.32 -10.41
CA GLU A 117 15.84 -1.26 -11.51
C GLU A 117 14.44 -1.10 -12.10
N VAL A 118 13.45 -0.99 -11.21
CA VAL A 118 12.05 -0.83 -11.63
C VAL A 118 11.85 0.47 -12.41
N LYS A 119 12.42 1.57 -11.91
CA LYS A 119 12.32 2.87 -12.58
C LYS A 119 12.81 2.79 -14.02
N GLU A 120 13.95 2.14 -14.22
CA GLU A 120 14.55 1.99 -15.54
C GLU A 120 13.66 1.16 -16.48
N ALA A 121 13.11 0.06 -15.96
CA ALA A 121 12.25 -0.83 -16.73
C ALA A 121 10.92 -0.20 -17.11
N LEU A 122 10.44 0.72 -16.27
CA LEU A 122 9.14 1.37 -16.49
C LEU A 122 9.16 2.47 -17.55
N LYS A 123 10.35 2.92 -17.91
CA LYS A 123 10.52 3.95 -18.94
C LYS A 123 9.84 3.58 -20.25
N ASN A 124 9.92 2.30 -20.63
CA ASN A 124 9.30 1.82 -21.86
C ASN A 124 8.14 0.85 -21.60
N ALA A 125 7.52 0.97 -20.42
CA ALA A 125 6.44 0.07 -20.04
C ALA A 125 5.05 0.63 -20.35
N ASN A 126 4.08 -0.27 -20.47
CA ASN A 126 2.70 0.07 -20.71
C ASN A 126 1.79 -0.95 -20.04
N ILE A 127 0.83 -0.46 -19.27
CA ILE A 127 -0.10 -1.33 -18.56
C ILE A 127 -1.38 -1.53 -19.38
N VAL A 128 -1.68 -2.79 -19.68
CA VAL A 128 -2.75 -3.15 -20.61
C VAL A 128 -3.93 -3.80 -19.89
N ASP A 129 -5.15 -3.40 -20.28
CA ASP A 129 -6.38 -3.97 -19.74
C ASP A 129 -6.72 -5.30 -20.42
N ILE A 130 -5.99 -6.33 -20.04
CA ILE A 130 -6.23 -7.70 -20.50
C ILE A 130 -6.86 -8.48 -19.35
N PRO A 131 -8.01 -9.16 -19.61
CA PRO A 131 -8.66 -9.93 -18.56
C PRO A 131 -7.81 -11.09 -18.04
N ILE A 132 -7.87 -11.34 -16.74
CA ILE A 132 -7.19 -12.48 -16.11
C ILE A 132 -7.82 -13.80 -16.57
N SER A 133 -9.13 -13.73 -16.83
CA SER A 133 -9.90 -14.87 -17.32
C SER A 133 -11.18 -14.33 -17.94
N GLU A 134 -11.68 -15.04 -18.95
CA GLU A 134 -12.95 -14.72 -19.60
C GLU A 134 -13.03 -13.26 -20.08
N ASN A 135 -14.05 -12.55 -19.63
CA ASN A 135 -14.25 -11.14 -19.99
C ASN A 135 -14.10 -10.21 -18.79
N ILE A 136 -13.65 -10.77 -17.67
CA ILE A 136 -13.62 -10.09 -16.37
C ILE A 136 -12.76 -8.82 -16.39
N PRO A 137 -13.39 -7.66 -16.10
CA PRO A 137 -12.69 -6.37 -16.06
C PRO A 137 -11.67 -6.29 -14.93
N ASN A 138 -10.56 -5.61 -15.18
CA ASN A 138 -9.53 -5.38 -14.17
C ASN A 138 -9.90 -4.23 -13.25
N THR A 139 -9.41 -4.30 -12.01
CA THR A 139 -9.57 -3.22 -11.05
C THR A 139 -8.74 -2.00 -11.48
N THR A 140 -9.30 -0.81 -11.31
CA THR A 140 -8.59 0.44 -11.56
C THR A 140 -7.54 0.63 -10.46
N LEU A 141 -6.26 0.67 -10.86
CA LEU A 141 -5.17 0.65 -9.90
C LEU A 141 -4.05 1.65 -10.17
N HIS A 142 -3.38 2.03 -9.09
CA HIS A 142 -2.04 2.61 -9.14
C HIS A 142 -1.18 1.96 -8.07
N TRP A 143 0.13 2.06 -8.21
CA TRP A 143 1.04 1.27 -7.37
C TRP A 143 2.06 2.12 -6.65
N ILE A 145 5.84 1.54 -4.94
CA ILE A 145 6.96 0.62 -4.88
C ILE A 145 8.04 1.22 -3.99
N SER A 146 8.63 0.38 -3.14
CA SER A 146 9.59 0.84 -2.14
C SER A 146 10.61 -0.26 -1.85
N ASP A 147 11.84 0.15 -1.49
CA ASP A 147 12.88 -0.83 -1.19
C ASP A 147 13.71 -0.48 0.05
N ILE A 148 14.80 -1.22 0.25
CA ILE A 148 15.65 -1.06 1.42
C ILE A 148 16.52 0.21 1.45
N THR A 149 16.54 0.96 0.33
CA THR A 149 17.24 2.24 0.28
C THR A 149 16.40 3.35 0.93
N GLY A 150 15.12 3.06 1.15
CA GLY A 150 14.19 4.02 1.71
C GLY A 150 13.51 4.88 0.66
N LYS A 151 13.85 4.63 -0.61
CA LYS A 151 13.22 5.34 -1.72
C LYS A 151 11.91 4.68 -2.10
N SER A 152 10.92 5.51 -2.41
CA SER A 152 9.62 5.03 -2.87
C SER A 152 9.24 5.74 -4.16
N ILE A 153 8.55 5.01 -5.03
CA ILE A 153 7.99 5.60 -6.24
C ILE A 153 6.50 5.29 -6.37
N VAL A 154 5.81 6.10 -7.17
CA VAL A 154 4.38 5.90 -7.45
C VAL A 154 4.18 5.73 -8.96
N VAL A 155 3.45 4.70 -9.33
CA VAL A 155 3.21 4.36 -10.73
C VAL A 155 1.75 4.60 -11.09
N GLU A 156 1.51 5.54 -12.00
CA GLU A 156 0.16 5.89 -12.43
C GLU A 156 0.05 5.97 -13.95
N GLN A 157 -0.75 5.08 -14.52
CA GLN A 157 -1.00 5.07 -15.96
C GLN A 157 -2.19 5.97 -16.30
N THR A 158 -1.91 7.04 -17.03
CA THR A 158 -2.95 7.93 -17.55
C THR A 158 -3.10 7.73 -19.05
N LYS A 159 -3.96 8.54 -19.68
CA LYS A 159 -4.16 8.50 -21.12
C LYS A 159 -2.88 8.88 -21.89
N GLU A 160 -2.21 9.92 -21.41
CA GLU A 160 -1.02 10.46 -22.08
C GLU A 160 0.24 9.63 -21.86
N LYS A 161 0.48 9.20 -20.62
CA LYS A 161 1.73 8.55 -20.25
C LYS A 161 1.61 7.63 -19.03
N LEU A 162 2.49 6.65 -18.96
CA LEU A 162 2.73 5.91 -17.71
C LEU A 162 3.65 6.75 -16.83
N ASN A 163 3.07 7.35 -15.79
CA ASN A 163 3.81 8.25 -14.91
C ASN A 163 4.48 7.52 -13.77
N VAL A 164 5.75 7.85 -13.54
CA VAL A 164 6.52 7.33 -12.42
C VAL A 164 7.00 8.51 -11.58
N PHE A 165 6.40 8.67 -10.40
CA PHE A 165 6.73 9.78 -9.50
C PHE A 165 7.69 9.35 -8.40
N ASP A 166 8.68 10.18 -8.10
CA ASP A 166 9.45 10.02 -6.88
C ASP A 166 8.54 10.42 -5.72
N ASN A 167 8.37 9.50 -4.76
CA ASN A 167 7.50 9.75 -3.60
C ASN A 167 8.32 10.14 -2.37
N ASN A 168 8.37 11.45 -2.10
CA ASN A 168 9.12 11.99 -0.97
C ASN A 168 8.23 12.22 0.25
N ILE A 169 6.96 11.87 0.13
CA ILE A 169 6.00 12.06 1.21
C ILE A 169 5.89 10.79 2.06
N GLY A 170 6.13 9.65 1.43
CA GLY A 170 6.13 8.35 2.11
C GLY A 170 4.76 7.71 2.20
N VAL A 171 3.80 8.28 1.47
CA VAL A 171 2.40 7.83 1.54
C VAL A 171 1.72 7.82 0.17
N LEU A 172 0.62 7.07 0.09
CA LEU A 172 -0.23 7.06 -1.09
C LEU A 172 -1.64 6.69 -0.66
N THR A 173 -2.64 7.25 -1.33
CA THR A 173 -4.02 6.81 -1.13
C THR A 173 -4.65 6.43 -2.46
N ASN A 174 -5.66 7.19 -2.88
CA ASN A 174 -6.36 6.92 -4.13
C ASN A 174 -6.40 8.17 -5.00
N SER A 175 -7.42 8.29 -5.84
CA SER A 175 -7.59 9.46 -6.71
C SER A 175 -7.77 10.76 -5.93
N PRO A 176 -7.35 11.90 -6.51
CA PRO A 176 -6.76 12.11 -7.85
C PRO A 176 -5.29 11.68 -7.97
N THR A 177 -4.64 12.14 -9.04
CA THR A 177 -3.25 11.80 -9.34
C THR A 177 -2.30 12.22 -8.23
N PHE A 178 -1.13 11.58 -8.18
CA PHE A 178 -0.17 11.80 -7.11
C PHE A 178 0.25 13.27 -6.96
N ASP A 179 0.52 13.92 -8.09
CA ASP A 179 0.92 15.34 -8.09
C ASP A 179 -0.17 16.26 -7.54
N TRP A 180 -1.43 15.85 -7.67
CA TRP A 180 -2.54 16.59 -7.06
C TRP A 180 -2.42 16.59 -5.54
N HIS A 181 -2.20 15.41 -4.95
CA HIS A 181 -2.07 15.28 -3.50
C HIS A 181 -0.86 16.04 -2.98
N VAL A 182 0.25 15.98 -3.72
CA VAL A 182 1.46 16.73 -3.39
C VAL A 182 1.16 18.23 -3.29
N ALA A 183 0.44 18.75 -4.29
CA ALA A 183 0.04 20.16 -4.30
C ALA A 183 -0.96 20.49 -3.18
N ASN A 184 -1.80 19.52 -2.84
CA ASN A 184 -2.79 19.68 -1.76
C ASN A 184 -2.16 19.83 -0.38
N LEU A 185 -1.02 19.17 -0.16
CA LEU A 185 -0.26 19.30 1.08
C LEU A 185 0.05 20.76 1.44
N ASN A 186 0.28 21.58 0.41
CA ASN A 186 0.59 23.01 0.57
C ASN A 186 -0.49 23.81 1.29
N GLN A 187 -1.73 23.31 1.26
CA GLN A 187 -2.85 23.98 1.92
C GLN A 187 -2.72 23.95 3.45
N TYR A 188 -1.96 22.98 3.95
CA TYR A 188 -1.90 22.70 5.38
C TYR A 188 -0.57 23.08 6.01
N VAL A 189 0.13 24.03 5.40
CA VAL A 189 1.40 24.54 5.93
C VAL A 189 1.25 25.20 7.32
N GLY A 190 0.03 25.56 7.66
CA GLY A 190 -0.26 26.22 8.94
C GLY A 190 -0.51 25.29 10.11
N LEU A 191 -0.44 23.98 9.86
CA LEU A 191 -0.59 22.97 10.92
C LEU A 191 0.60 22.98 11.86
N ARG A 192 0.32 22.73 13.14
CA ARG A 192 1.36 22.68 14.17
C ARG A 192 1.16 21.48 15.08
N TYR A 193 2.24 20.73 15.35
CA TYR A 193 2.17 19.59 16.25
C TYR A 193 2.25 20.03 17.72
N ASN A 194 2.94 21.15 17.94
CA ASN A 194 3.08 21.71 19.28
C ASN A 194 1.82 22.42 19.74
N GLN A 195 1.48 22.19 21.01
CA GLN A 195 0.29 22.79 21.62
C GLN A 195 0.27 24.31 21.51
N VAL A 196 -0.91 24.85 21.22
CA VAL A 196 -1.17 26.29 21.34
C VAL A 196 -2.04 26.48 22.58
N PRO A 197 -1.42 26.83 23.73
CA PRO A 197 -2.13 26.87 25.00
C PRO A 197 -3.09 28.05 25.18
N GLU A 198 -2.80 29.18 24.53
CA GLU A 198 -3.63 30.37 24.71
C GLU A 198 -3.72 31.29 23.48
N PHE A 199 -4.76 32.12 23.47
CA PHE A 199 -4.95 33.15 22.46
C PHE A 199 -5.63 34.35 23.13
N LYS A 200 -5.05 35.53 22.96
CA LYS A 200 -5.63 36.74 23.53
C LYS A 200 -6.52 37.43 22.50
N LEU A 201 -7.83 37.20 22.63
CA LEU A 201 -8.81 37.80 21.72
C LEU A 201 -9.28 39.15 22.28
N GLY A 202 -8.36 40.12 22.28
CA GLY A 202 -8.64 41.47 22.78
C GLY A 202 -8.99 41.49 24.26
N ASP A 203 -10.26 41.75 24.57
CA ASP A 203 -10.75 41.78 25.94
C ASP A 203 -11.20 40.41 26.44
N GLN A 204 -11.12 39.41 25.56
CA GLN A 204 -11.45 38.03 25.91
C GLN A 204 -10.19 37.16 25.86
N SER A 205 -9.95 36.42 26.93
CA SER A 205 -8.84 35.47 26.98
C SER A 205 -9.33 34.10 26.56
N LEU A 206 -8.65 33.51 25.57
CA LEU A 206 -9.00 32.17 25.11
C LEU A 206 -7.94 31.16 25.57
N THR A 207 -8.40 30.03 26.07
CA THR A 207 -7.51 29.00 26.60
C THR A 207 -7.81 27.65 25.95
N ALA A 208 -6.75 26.94 25.58
CA ALA A 208 -6.88 25.60 25.01
C ALA A 208 -7.68 24.69 25.94
N LEU A 209 -8.71 24.06 25.37
CA LEU A 209 -9.59 23.17 26.13
C LEU A 209 -8.89 21.87 26.46
N GLY A 210 -8.11 21.38 25.50
CA GLY A 210 -7.27 20.19 25.67
C GLY A 210 -6.09 20.25 24.72
N GLN A 211 -5.33 19.16 24.67
CA GLN A 211 -4.18 19.05 23.79
C GLN A 211 -4.61 18.90 22.33
N GLY A 212 -3.79 19.40 21.42
CA GLY A 212 -4.02 19.21 19.97
C GLY A 212 -4.55 20.41 19.21
N THR A 213 -4.54 21.58 19.85
CA THR A 213 -5.09 22.80 19.24
C THR A 213 -4.35 23.26 17.98
N GLY A 214 -3.09 22.85 17.84
CA GLY A 214 -2.27 23.22 16.70
C GLY A 214 -2.70 22.58 15.38
N LEU A 215 -3.35 21.41 15.48
CA LEU A 215 -3.78 20.66 14.31
C LEU A 215 -5.22 20.90 13.88
N VAL A 216 -5.89 21.85 14.54
CA VAL A 216 -7.26 22.20 14.16
C VAL A 216 -7.28 22.68 12.70
N GLY A 217 -8.12 22.04 11.90
CA GLY A 217 -8.13 22.25 10.45
C GLY A 217 -7.82 20.98 9.68
N LEU A 218 -7.23 20.00 10.36
CA LEU A 218 -6.98 18.68 9.76
C LEU A 218 -8.31 18.01 9.43
N PRO A 219 -8.46 17.52 8.18
CA PRO A 219 -9.73 16.89 7.78
C PRO A 219 -9.88 15.50 8.39
N GLY A 220 -11.08 15.20 8.88
CA GLY A 220 -11.30 13.96 9.63
C GLY A 220 -12.11 12.86 8.96
N ASP A 221 -12.51 13.09 7.72
CA ASP A 221 -13.28 12.12 6.96
C ASP A 221 -12.39 11.02 6.36
N PHE A 222 -13.00 10.14 5.57
CA PHE A 222 -12.30 8.96 5.04
C PHE A 222 -12.08 8.98 3.52
N THR A 223 -12.23 10.16 2.91
CA THR A 223 -11.93 10.33 1.48
C THR A 223 -10.42 10.19 1.24
N PRO A 224 -10.03 9.77 0.02
CA PRO A 224 -8.61 9.64 -0.31
C PRO A 224 -7.77 10.89 -0.02
N ALA A 225 -8.30 12.07 -0.33
CA ALA A 225 -7.57 13.32 -0.11
C ALA A 225 -7.31 13.56 1.37
N SER A 226 -8.35 13.43 2.19
CA SER A 226 -8.24 13.66 3.63
C SER A 226 -7.31 12.66 4.30
N ARG A 227 -7.42 11.40 3.89
CA ARG A 227 -6.56 10.36 4.43
C ARG A 227 -5.09 10.60 4.07
N PHE A 228 -4.84 11.06 2.83
CA PHE A 228 -3.48 11.39 2.38
C PHE A 228 -2.87 12.47 3.28
N ILE A 229 -3.62 13.55 3.49
CA ILE A 229 -3.19 14.63 4.38
C ILE A 229 -2.85 14.12 5.78
N ARG A 230 -3.78 13.39 6.39
CA ARG A 230 -3.58 12.87 7.75
C ARG A 230 -2.31 12.03 7.90
N VAL A 231 -2.15 11.01 7.06
N VAL A 231 -2.15 11.02 7.05
CA VAL A 231 -0.97 10.14 7.16
CA VAL A 231 -0.99 10.13 7.13
C VAL A 231 0.34 10.85 6.84
C VAL A 231 0.31 10.90 6.87
N ALA A 232 0.29 11.78 5.88
CA ALA A 232 1.47 12.57 5.52
C ALA A 232 1.99 13.36 6.71
N PHE A 233 1.09 14.00 7.44
CA PHE A 233 1.47 14.80 8.60
C PHE A 233 1.75 13.98 9.86
N LEU A 234 1.00 12.90 10.07
CA LEU A 234 1.29 11.99 11.18
C LEU A 234 2.66 11.35 11.03
N ARG A 235 3.00 10.95 9.81
CA ARG A 235 4.32 10.40 9.49
C ARG A 235 5.43 11.45 9.71
N ASP A 236 5.20 12.65 9.19
CA ASP A 236 6.16 13.76 9.32
C ASP A 236 6.45 14.09 10.79
N ALA A 237 5.40 14.17 11.59
CA ALA A 237 5.52 14.53 13.00
C ALA A 237 6.34 13.50 13.78
N ILE A 239 8.60 11.36 12.49
CA ILE A 239 9.99 11.41 12.03
C ILE A 239 10.72 12.62 12.63
N LYS A 240 10.03 13.76 12.67
CA LYS A 240 10.58 14.99 13.26
C LYS A 240 10.87 14.87 14.74
N ASN A 241 9.93 14.30 15.48
CA ASN A 241 9.98 14.31 16.94
C ASN A 241 10.42 12.99 17.58
N ASP A 242 10.33 11.89 16.85
CA ASP A 242 10.54 10.56 17.41
C ASP A 242 11.27 9.58 16.49
N LYS A 243 12.18 10.11 15.67
CA LYS A 243 12.97 9.31 14.73
C LYS A 243 13.63 8.10 15.40
N ASP A 244 14.23 8.32 16.56
CA ASP A 244 15.01 7.29 17.26
C ASP A 244 14.17 6.29 18.08
N SER A 245 12.85 6.37 17.96
CA SER A 245 11.96 5.44 18.65
C SER A 245 10.94 4.75 17.73
N ILE A 246 11.06 4.99 16.42
CA ILE A 246 10.14 4.38 15.46
C ILE A 246 10.37 2.87 15.40
N ASP A 247 9.30 2.13 15.66
CA ASP A 247 9.33 0.68 15.53
C ASP A 247 8.05 0.16 14.86
N LEU A 248 7.93 -1.17 14.78
CA LEU A 248 6.82 -1.82 14.09
C LEU A 248 5.44 -1.30 14.47
N ILE A 249 5.17 -1.18 15.77
CA ILE A 249 3.84 -0.80 16.22
C ILE A 249 3.43 0.62 15.79
N GLU A 250 4.43 1.51 15.66
CA GLU A 250 4.20 2.89 15.23
C GLU A 250 3.59 2.94 13.83
N PHE A 251 4.04 2.03 12.96
CA PHE A 251 3.48 1.90 11.62
C PHE A 251 1.98 1.67 11.68
N PHE A 252 1.55 0.77 12.56
CA PHE A 252 0.13 0.47 12.74
C PHE A 252 -0.64 1.63 13.37
N HIS A 253 -0.02 2.35 14.31
CA HIS A 253 -0.64 3.53 14.91
C HIS A 253 -0.99 4.60 13.87
N ILE A 254 -0.06 4.85 12.95
CA ILE A 254 -0.29 5.81 11.88
C ILE A 254 -1.47 5.38 11.00
N LEU A 255 -1.45 4.14 10.52
CA LEU A 255 -2.50 3.66 9.63
C LEU A 255 -3.86 3.49 10.31
N ASN A 256 -3.87 3.21 11.61
CA ASN A 256 -5.12 3.11 12.38
C ASN A 256 -5.93 4.40 12.32
N ASN A 257 -5.24 5.53 12.25
CA ASN A 257 -5.90 6.84 12.20
C ASN A 257 -6.73 7.06 10.94
N VAL A 258 -6.37 6.37 9.85
CA VAL A 258 -7.10 6.51 8.59
C VAL A 258 -7.85 5.22 8.20
N ALA A 259 -7.94 4.28 9.13
CA ALA A 259 -8.69 3.04 8.92
C ALA A 259 -10.19 3.29 8.96
N VAL A 261 -14.11 2.42 9.64
CA VAL A 261 -14.82 1.73 10.70
C VAL A 261 -16.20 1.30 10.20
N ARG A 262 -16.59 0.07 10.52
CA ARG A 262 -17.86 -0.49 10.05
C ARG A 262 -19.03 0.44 10.34
N GLY A 263 -19.87 0.66 9.33
CA GLY A 263 -21.10 1.45 9.48
C GLY A 263 -21.08 2.87 8.96
N SER A 264 -19.91 3.52 8.98
CA SER A 264 -19.79 4.95 8.69
C SER A 264 -19.33 5.31 7.27
N THR A 265 -18.79 4.34 6.54
CA THR A 265 -18.40 4.55 5.14
C THR A 265 -19.21 3.57 4.29
N ARG A 266 -20.43 3.98 3.96
CA ARG A 266 -21.38 3.11 3.27
C ARG A 266 -21.37 3.34 1.77
N THR A 267 -21.31 2.25 1.01
CA THR A 267 -21.32 2.29 -0.44
C THR A 267 -22.74 2.52 -0.96
N VAL A 268 -22.87 2.77 -2.26
CA VAL A 268 -24.16 2.94 -2.93
C VAL A 268 -24.99 1.65 -2.85
N GLU A 269 -24.30 0.51 -2.75
CA GLU A 269 -24.95 -0.80 -2.59
C GLU A 269 -25.24 -1.14 -1.12
N GLU A 270 -25.19 -0.13 -0.26
CA GLU A 270 -25.49 -0.25 1.18
C GLU A 270 -24.62 -1.29 1.90
N LYS A 271 -23.34 -1.30 1.56
CA LYS A 271 -22.35 -2.14 2.24
C LYS A 271 -21.32 -1.25 2.94
N SER A 272 -20.81 -1.73 4.07
CA SER A 272 -19.77 -1.00 4.79
C SER A 272 -18.39 -1.22 4.17
N ASP A 273 -17.78 -0.12 3.77
CA ASP A 273 -16.40 -0.11 3.33
C ASP A 273 -15.55 -0.05 4.60
N LEU A 274 -14.69 -1.03 4.78
CA LEU A 274 -13.86 -1.04 5.97
C LEU A 274 -12.41 -1.40 5.66
N THR A 275 -11.52 -1.11 6.62
CA THR A 275 -10.15 -1.54 6.53
C THR A 275 -10.11 -3.02 6.90
N GLN A 276 -10.10 -3.85 5.86
CA GLN A 276 -10.15 -5.30 6.00
C GLN A 276 -8.89 -5.84 6.64
N TYR A 277 -7.74 -5.34 6.18
CA TYR A 277 -6.46 -5.69 6.79
C TYR A 277 -5.45 -4.55 6.70
N THR A 278 -4.45 -4.64 7.56
CA THR A 278 -3.30 -3.75 7.52
C THR A 278 -2.05 -4.61 7.46
N SER A 279 -1.26 -4.41 6.41
CA SER A 279 0.00 -5.13 6.26
C SER A 279 1.19 -4.22 6.50
N CYS A 280 2.25 -4.80 7.04
CA CYS A 280 3.51 -4.10 7.21
C CYS A 280 4.67 -5.05 6.90
N CYS A 282 8.61 -5.82 6.72
CA CYS A 282 9.97 -5.48 7.13
C CYS A 282 10.89 -5.92 5.99
N LEU A 283 11.20 -4.98 5.11
CA LEU A 283 11.83 -5.28 3.82
C LEU A 283 13.16 -6.02 3.92
N GLU A 284 14.02 -5.60 4.84
CA GLU A 284 15.33 -6.24 5.04
C GLU A 284 15.23 -7.70 5.48
N LYS A 285 14.25 -7.99 6.34
CA LYS A 285 14.15 -9.28 7.01
C LYS A 285 13.22 -10.29 6.31
N GLY A 286 12.48 -9.83 5.30
CA GLY A 286 11.57 -10.70 4.57
C GLY A 286 10.39 -11.19 5.40
N ILE A 287 9.98 -10.38 6.37
CA ILE A 287 8.82 -10.71 7.20
C ILE A 287 7.61 -9.89 6.75
N TYR A 288 6.53 -10.58 6.44
CA TYR A 288 5.25 -9.97 6.14
C TYR A 288 4.41 -9.99 7.42
N TYR A 289 4.17 -8.80 7.98
CA TYR A 289 3.30 -8.66 9.15
C TYR A 289 1.93 -8.17 8.69
N TYR A 290 0.88 -8.66 9.34
CA TYR A 290 -0.48 -8.16 9.05
C TYR A 290 -1.44 -8.47 10.19
N ASN A 291 -2.44 -7.60 10.33
CA ASN A 291 -3.62 -7.91 11.13
C ASN A 291 -4.87 -7.68 10.30
N THR A 292 -6.04 -7.96 10.86
CA THR A 292 -7.29 -7.81 10.13
C THR A 292 -8.33 -7.08 10.96
N TYR A 293 -9.44 -6.71 10.31
CA TYR A 293 -10.52 -6.03 10.99
C TYR A 293 -11.06 -6.90 12.14
N GLU A 294 -11.13 -8.21 11.91
CA GLU A 294 -11.65 -9.15 12.89
C GLU A 294 -10.63 -9.49 13.98
N ASN A 295 -9.36 -9.63 13.58
CA ASN A 295 -8.28 -9.97 14.51
C ASN A 295 -7.14 -8.95 14.45
N ASN A 296 -7.06 -8.10 15.47
CA ASN A 296 -6.09 -7.02 15.49
C ASN A 296 -4.67 -7.44 15.88
N GLN A 297 -4.49 -8.68 16.34
CA GLN A 297 -3.15 -9.14 16.65
C GLN A 297 -2.34 -9.26 15.37
N ILE A 298 -1.10 -8.77 15.43
CA ILE A 298 -0.19 -8.83 14.29
C ILE A 298 0.32 -10.25 14.11
N ASN A 299 0.16 -10.76 12.89
CA ASN A 299 0.68 -12.06 12.48
C ASN A 299 1.90 -11.87 11.60
N ALA A 300 2.86 -12.78 11.73
CA ALA A 300 4.12 -12.68 10.99
C ALA A 300 4.39 -13.93 10.16
N ILE A 301 4.65 -13.72 8.87
CA ILE A 301 5.11 -14.78 7.99
C ILE A 301 6.50 -14.38 7.49
N ASP A 302 7.49 -15.21 7.80
CA ASP A 302 8.88 -14.96 7.44
C ASP A 302 9.26 -15.83 6.26
N ASN A 304 12.03 -16.24 4.92
CA ASN A 304 13.34 -16.86 5.11
C ASN A 304 13.27 -18.17 5.90
N LYS A 305 12.09 -18.49 6.43
CA LYS A 305 11.86 -19.78 7.06
C LYS A 305 11.47 -20.82 6.00
N GLU A 306 11.15 -20.34 4.81
CA GLU A 306 10.80 -21.20 3.68
C GLU A 306 12.04 -21.64 2.92
N ASN A 307 11.89 -22.69 2.12
CA ASN A 307 12.90 -23.04 1.14
C ASN A 307 12.70 -22.17 -0.09
N LEU A 308 13.62 -21.21 -0.28
CA LEU A 308 13.52 -20.25 -1.38
C LEU A 308 13.74 -20.92 -2.74
N ASP A 309 14.40 -22.07 -2.71
CA ASP A 309 14.58 -22.91 -3.91
C ASP A 309 13.52 -24.01 -3.96
N GLY A 310 12.44 -23.82 -3.22
CA GLY A 310 11.32 -24.78 -3.16
C GLY A 310 10.63 -24.95 -4.49
N ASN A 311 9.78 -25.97 -4.58
CA ASN A 311 9.15 -26.34 -5.84
C ASN A 311 7.64 -26.13 -5.87
N GLU A 312 7.10 -25.49 -4.84
CA GLU A 312 5.66 -25.31 -4.73
C GLU A 312 5.28 -23.95 -4.13
N ILE A 313 4.18 -23.39 -4.64
CA ILE A 313 3.55 -22.21 -4.02
C ILE A 313 2.99 -22.62 -2.67
N LYS A 314 3.28 -21.83 -1.65
CA LYS A 314 2.74 -22.06 -0.31
C LYS A 314 1.81 -20.92 0.06
N THR A 315 0.67 -21.28 0.67
CA THR A 315 -0.29 -20.27 1.14
C THR A 315 -0.54 -20.39 2.64
N TYR A 316 -0.97 -19.29 3.24
CA TYR A 316 -1.29 -19.23 4.65
C TYR A 316 -2.64 -18.56 4.83
N LYS A 317 -3.46 -19.14 5.71
CA LYS A 317 -4.84 -18.71 5.88
C LYS A 317 -4.97 -17.32 6.52
N TYR A 318 -5.75 -16.48 5.85
CA TYR A 318 -6.11 -15.15 6.30
C TYR A 318 -6.81 -15.24 7.66
N ASN A 319 -6.17 -14.68 8.68
CA ASN A 319 -6.63 -14.82 10.07
C ASN A 319 -7.74 -13.83 10.42
N LYS A 320 -8.94 -14.35 10.64
CA LYS A 320 -10.11 -13.53 11.01
C LYS A 320 -10.67 -13.91 12.39
N THR A 321 -9.84 -14.55 13.20
CA THR A 321 -10.26 -15.01 14.52
C THR A 321 -9.53 -14.23 15.61
N LEU A 322 -10.25 -13.35 16.29
CA LEU A 322 -9.67 -12.50 17.33
C LEU A 322 -8.83 -13.29 18.32
N SER A 323 -7.57 -12.87 18.45
CA SER A 323 -6.62 -13.53 19.34
C SER A 323 -6.43 -12.71 20.62
N ILE A 324 -6.91 -13.25 21.73
CA ILE A 324 -6.86 -12.57 23.02
C ILE A 324 -5.89 -13.27 23.96
N ASN A 325 -5.11 -12.49 24.69
CA ASN A 325 -4.25 -13.01 25.75
C ASN A 325 -5.02 -13.06 27.07
N HIS A 326 -5.38 -14.27 27.49
CA HIS A 326 -6.07 -14.45 28.77
C HIS A 326 -5.08 -14.47 29.92
N VAL A 327 -4.99 -13.33 30.61
CA VAL A 327 -3.96 -13.08 31.62
C VAL A 327 -4.08 -14.00 32.83
N ASN A 328 -5.31 -14.15 33.33
CA ASN A 328 -5.57 -15.04 34.46
C ASN A 328 -6.55 -16.16 34.11
#